data_7Y5Y
#
_entry.id   7Y5Y
#
_cell.length_a   80.331
_cell.length_b   80.331
_cell.length_c   224.803
_cell.angle_alpha   90.000
_cell.angle_beta   90.000
_cell.angle_gamma   120.000
#
_symmetry.space_group_name_H-M   'P 61 2 2'
#
loop_
_entity.id
_entity.type
_entity.pdbx_description
1 polymer 'Staygreen domain-containing protein'
2 non-polymer (4S)-2-METHYL-2,4-PENTANEDIOL
3 non-polymer 'PHOSPHATE ION'
4 non-polymer 2-AMINO-2-HYDROXYMETHYL-PROPANE-1,3-DIOL
5 water water
#
_entity_poly.entity_id   1
_entity_poly.type   'polypeptide(L)'
_entity_poly.pdbx_seq_one_letter_code
;MDHLKPEKLQTRFLNGSQNDGPRYPRCYTLTHSDSTGELFLTIGPSYDYEQISGWYTRFMRDEVLAVWEMDEEDMALHVH
VHVSGGLILGSAKWRDKIFRQHMPLVLEAFRYGDRELVKKYPEMDQAPILVHFHAPNPKFDLVETWGILRDYKIEHHHHH
H
;
_entity_poly.pdbx_strand_id   A,B
#
loop_
_chem_comp.id
_chem_comp.type
_chem_comp.name
_chem_comp.formula
MPD non-polymer (4S)-2-METHYL-2,4-PENTANEDIOL 'C6 H14 O2'
PO4 non-polymer 'PHOSPHATE ION' 'O4 P -3'
TRS non-polymer 2-AMINO-2-HYDROXYMETHYL-PROPANE-1,3-DIOL 'C4 H12 N O3 1'
#
# COMPACT_ATOMS: atom_id res chain seq x y z
N HIS A 3 -25.89 6.53 -8.27
CA HIS A 3 -25.76 6.96 -9.67
C HIS A 3 -25.17 8.36 -9.74
N LEU A 4 -24.13 8.54 -10.54
CA LEU A 4 -23.43 9.83 -10.58
C LEU A 4 -24.27 10.88 -11.29
N LYS A 5 -24.35 12.06 -10.70
CA LYS A 5 -25.10 13.17 -11.25
C LYS A 5 -24.08 14.22 -11.68
N PRO A 6 -23.70 14.28 -12.96
CA PRO A 6 -22.51 15.07 -13.32
C PRO A 6 -22.55 16.53 -12.91
N GLU A 7 -23.74 17.13 -12.82
CA GLU A 7 -23.87 18.50 -12.35
C GLU A 7 -23.35 18.65 -10.92
N LYS A 8 -23.26 17.53 -10.18
CA LYS A 8 -22.75 17.53 -8.82
C LYS A 8 -21.27 17.20 -8.74
N LEU A 9 -20.57 17.12 -9.87
CA LEU A 9 -19.15 16.77 -9.87
C LEU A 9 -18.32 17.93 -10.42
N GLN A 10 -17.37 18.40 -9.62
CA GLN A 10 -16.36 19.35 -10.07
C GLN A 10 -15.06 18.61 -10.35
N THR A 11 -14.49 18.82 -11.54
CA THR A 11 -13.20 18.25 -11.90
C THR A 11 -12.16 19.36 -12.08
N ARG A 12 -10.97 19.12 -11.52
CA ARG A 12 -9.92 20.09 -11.35
C ARG A 12 -8.59 19.44 -11.74
N PHE A 13 -7.67 20.24 -12.29
CA PHE A 13 -6.36 19.72 -12.72
C PHE A 13 -5.23 20.43 -11.98
N LEU A 14 -4.27 19.64 -11.52
CA LEU A 14 -3.07 20.20 -10.92
C LEU A 14 -2.07 20.55 -12.02
N ASN A 15 -1.10 21.40 -11.69
CA ASN A 15 0.00 21.69 -12.60
C ASN A 15 0.66 20.41 -13.07
N GLY A 16 0.81 20.28 -14.38
CA GLY A 16 1.39 19.10 -14.97
C GLY A 16 0.40 18.13 -15.55
N SER A 17 -0.89 18.39 -15.41
CA SER A 17 -1.93 17.53 -15.96
C SER A 17 -2.99 18.37 -16.66
N GLN A 18 -3.53 17.80 -17.74
CA GLN A 18 -4.64 18.39 -18.46
C GLN A 18 -5.67 17.32 -18.75
N ASN A 19 -6.79 17.72 -19.36
CA ASN A 19 -7.80 16.71 -19.63
C ASN A 19 -7.36 15.74 -20.72
N ASP A 20 -6.29 16.05 -21.44
CA ASP A 20 -5.81 15.22 -22.53
C ASP A 20 -4.48 14.53 -22.22
N GLY A 21 -3.97 14.66 -21.00
CA GLY A 21 -2.79 13.93 -20.60
C GLY A 21 -1.90 14.69 -19.62
N PRO A 22 -0.70 14.15 -19.36
CA PRO A 22 -0.16 12.86 -19.83
C PRO A 22 -0.86 11.67 -19.18
N ARG A 23 -0.76 10.50 -19.83
CA ARG A 23 -1.34 9.29 -19.28
C ARG A 23 -0.70 8.90 -17.96
N TYR A 24 0.56 9.26 -17.77
CA TYR A 24 1.34 8.82 -16.62
C TYR A 24 2.42 9.87 -16.38
N PRO A 25 2.64 10.31 -15.14
CA PRO A 25 1.88 9.88 -13.96
C PRO A 25 0.54 10.60 -13.91
N ARG A 26 -0.47 9.94 -13.31
CA ARG A 26 -1.81 10.51 -13.24
C ARG A 26 -2.49 9.95 -12.00
N CYS A 27 -2.94 10.86 -11.13
CA CYS A 27 -3.53 10.48 -9.85
C CYS A 27 -4.84 11.24 -9.66
N TYR A 28 -5.77 10.62 -8.90
CA TYR A 28 -7.07 11.20 -8.62
C TYR A 28 -7.18 11.43 -7.11
N THR A 29 -7.77 12.57 -6.74
CA THR A 29 -8.09 12.90 -5.34
C THR A 29 -9.56 13.28 -5.31
N LEU A 30 -10.37 12.52 -4.54
CA LEU A 30 -11.82 12.71 -4.52
C LEU A 30 -12.29 12.98 -3.10
N THR A 31 -12.93 14.13 -2.90
CA THR A 31 -13.55 14.49 -1.62
C THR A 31 -14.98 14.96 -1.90
N HIS A 32 -15.71 15.32 -0.85
CA HIS A 32 -17.11 15.69 -1.04
C HIS A 32 -17.50 16.74 -0.02
N SER A 33 -18.61 17.41 -0.28
CA SER A 33 -19.23 18.30 0.71
C SER A 33 -20.50 17.63 1.19
N ASP A 34 -20.54 17.25 2.47
CA ASP A 34 -21.78 16.69 3.01
C ASP A 34 -22.92 17.70 3.01
N SER A 35 -22.60 19.00 3.00
CA SER A 35 -23.65 20.01 2.98
C SER A 35 -24.46 19.96 1.69
N THR A 36 -23.79 19.85 0.53
CA THR A 36 -24.47 19.94 -0.76
C THR A 36 -24.48 18.65 -1.58
N GLY A 37 -23.82 17.59 -1.11
CA GLY A 37 -23.72 16.40 -1.93
C GLY A 37 -22.81 16.53 -3.14
N GLU A 38 -22.09 17.64 -3.26
CA GLU A 38 -21.19 17.83 -4.38
C GLU A 38 -19.94 16.97 -4.22
N LEU A 39 -19.37 16.53 -5.34
CA LEU A 39 -18.14 15.77 -5.34
C LEU A 39 -17.03 16.62 -5.94
N PHE A 40 -15.82 16.52 -5.38
CA PHE A 40 -14.66 17.30 -5.79
C PHE A 40 -13.57 16.35 -6.23
N LEU A 41 -13.33 16.28 -7.53
CA LEU A 41 -12.28 15.43 -8.09
C LEU A 41 -11.14 16.29 -8.59
N THR A 42 -9.91 15.93 -8.20
CA THR A 42 -8.72 16.59 -8.71
C THR A 42 -7.84 15.54 -9.38
N ILE A 43 -7.33 15.90 -10.57
CA ILE A 43 -6.48 15.04 -11.37
C ILE A 43 -5.12 15.74 -11.50
N GLY A 44 -4.05 15.03 -11.23
CA GLY A 44 -2.73 15.61 -11.39
C GLY A 44 -1.65 14.58 -11.38
N PRO A 45 -0.39 15.03 -11.47
CA PRO A 45 0.73 14.07 -11.41
C PRO A 45 0.81 13.34 -10.08
N SER A 46 0.34 13.96 -9.00
CA SER A 46 0.24 13.32 -7.70
C SER A 46 -1.06 13.75 -7.03
N TYR A 47 -1.21 13.39 -5.76
CA TYR A 47 -2.44 13.74 -5.01
C TYR A 47 -2.50 15.22 -4.67
N ASP A 48 -3.73 15.73 -4.51
CA ASP A 48 -3.95 17.10 -4.10
C ASP A 48 -3.96 17.11 -2.57
N TYR A 49 -2.77 17.27 -1.99
CA TYR A 49 -2.62 17.14 -0.55
C TYR A 49 -3.36 18.23 0.20
N GLU A 50 -3.47 19.43 -0.37
CA GLU A 50 -4.24 20.47 0.29
C GLU A 50 -5.71 20.11 0.36
N GLN A 51 -6.24 19.47 -0.69
CA GLN A 51 -7.63 19.05 -0.72
C GLN A 51 -7.98 18.13 0.44
N ILE A 52 -7.04 17.29 0.86
CA ILE A 52 -7.30 16.28 1.89
C ILE A 52 -6.73 16.69 3.25
N SER A 53 -6.37 17.96 3.42
CA SER A 53 -5.66 18.39 4.61
C SER A 53 -6.58 18.90 5.73
N GLY A 54 -7.89 19.07 5.49
CA GLY A 54 -8.76 19.68 6.50
C GLY A 54 -9.00 18.81 7.72
N TRP A 55 -9.42 19.46 8.82
CA TRP A 55 -9.71 18.72 10.06
C TRP A 55 -10.84 17.71 9.84
N TYR A 56 -11.85 18.09 9.05
CA TYR A 56 -12.94 17.17 8.74
C TYR A 56 -12.42 15.87 8.10
N THR A 57 -11.56 16.00 7.09
CA THR A 57 -10.99 14.80 6.45
C THR A 57 -10.11 14.01 7.41
N ARG A 58 -9.32 14.71 8.24
CA ARG A 58 -8.51 14.01 9.22
C ARG A 58 -9.36 13.13 10.14
N PHE A 59 -10.55 13.61 10.53
CA PHE A 59 -11.43 12.83 11.39
C PHE A 59 -12.26 11.78 10.62
N MET A 60 -12.84 12.12 9.47
CA MET A 60 -13.63 11.15 8.73
C MET A 60 -12.81 10.26 7.79
N ARG A 61 -11.65 10.69 7.32
CA ARG A 61 -10.83 9.88 6.39
C ARG A 61 -11.69 9.24 5.27
N ASP A 62 -12.56 10.06 4.67
CA ASP A 62 -13.43 9.58 3.61
C ASP A 62 -12.97 10.01 2.23
N GLU A 63 -11.75 10.51 2.11
CA GLU A 63 -11.20 10.78 0.78
C GLU A 63 -10.95 9.47 0.04
N VAL A 64 -11.00 9.53 -1.28
CA VAL A 64 -10.61 8.42 -2.14
C VAL A 64 -9.44 8.90 -2.97
N LEU A 65 -8.37 8.11 -2.98
CA LEU A 65 -7.17 8.41 -3.75
C LEU A 65 -7.01 7.31 -4.79
N ALA A 66 -6.51 7.66 -5.99
CA ALA A 66 -6.27 6.64 -6.97
C ALA A 66 -5.02 7.01 -7.76
N VAL A 67 -4.27 6.00 -8.17
CA VAL A 67 -3.09 6.17 -8.99
C VAL A 67 -3.10 5.21 -10.18
N TRP A 68 -2.88 5.76 -11.38
CA TRP A 68 -2.67 4.93 -12.55
C TRP A 68 -1.28 4.33 -12.49
N GLU A 69 -1.18 3.01 -12.61
CA GLU A 69 0.11 2.34 -12.50
C GLU A 69 0.44 1.66 -13.82
N MET A 70 1.72 1.66 -14.20
CA MET A 70 2.21 1.03 -15.44
C MET A 70 2.66 -0.39 -15.17
N ASP A 71 2.23 -1.32 -16.02
CA ASP A 71 2.73 -2.68 -16.01
C ASP A 71 3.39 -2.83 -17.38
N GLU A 72 4.68 -2.50 -17.45
CA GLU A 72 5.37 -2.34 -18.72
C GLU A 72 4.57 -1.41 -19.62
N GLU A 73 3.87 -1.93 -20.62
CA GLU A 73 3.01 -1.06 -21.41
C GLU A 73 1.54 -1.12 -21.02
N ASP A 74 1.16 -2.01 -20.11
CA ASP A 74 -0.21 -2.15 -19.65
C ASP A 74 -0.46 -1.21 -18.47
N MET A 75 -1.75 -0.93 -18.22
CA MET A 75 -2.15 0.06 -17.23
C MET A 75 -3.19 -0.52 -16.28
N ALA A 76 -3.18 -0.02 -15.03
CA ALA A 76 -4.17 -0.45 -14.07
C ALA A 76 -4.39 0.68 -13.07
N LEU A 77 -5.66 0.91 -12.71
CA LEU A 77 -6.01 1.98 -11.79
C LEU A 77 -6.11 1.43 -10.37
N HIS A 78 -5.23 1.90 -9.47
CA HIS A 78 -5.16 1.44 -8.09
C HIS A 78 -5.89 2.46 -7.21
N VAL A 79 -7.03 2.07 -6.64
CA VAL A 79 -7.89 2.94 -5.84
C VAL A 79 -7.65 2.61 -4.37
N HIS A 80 -7.74 3.63 -3.50
CA HIS A 80 -7.39 3.48 -2.09
C HIS A 80 -8.44 4.14 -1.22
N VAL A 81 -8.97 3.39 -0.25
CA VAL A 81 -9.89 3.97 0.73
C VAL A 81 -9.45 3.54 2.12
N HIS A 82 -9.72 4.41 3.11
CA HIS A 82 -9.25 4.18 4.47
C HIS A 82 -10.38 3.56 5.30
N VAL A 83 -10.46 2.23 5.30
CA VAL A 83 -11.52 1.57 6.06
C VAL A 83 -11.26 1.72 7.55
N SER A 84 -10.02 1.48 7.98
CA SER A 84 -9.70 1.47 9.39
C SER A 84 -8.27 1.97 9.60
N GLY A 85 -8.01 2.44 10.81
CA GLY A 85 -6.67 2.82 11.26
C GLY A 85 -6.67 4.22 11.87
N GLY A 86 -6.16 4.34 13.09
CA GLY A 86 -6.18 5.63 13.79
C GLY A 86 -7.53 5.95 14.44
N LEU A 87 -7.58 7.13 15.04
CA LEU A 87 -8.79 7.64 15.67
C LEU A 87 -9.62 8.39 14.64
N ILE A 88 -10.71 7.76 14.22
CA ILE A 88 -11.54 8.22 13.12
C ILE A 88 -13.00 7.95 13.49
N LEU A 89 -13.91 8.48 12.69
CA LEU A 89 -15.34 8.33 12.90
C LEU A 89 -15.80 6.96 12.42
N GLY A 90 -16.24 6.11 13.34
CA GLY A 90 -16.89 4.88 12.98
C GLY A 90 -15.99 3.66 13.09
N SER A 91 -16.62 2.51 13.32
CA SER A 91 -15.92 1.24 13.38
C SER A 91 -15.56 0.75 11.97
N ALA A 92 -14.60 -0.17 11.90
CA ALA A 92 -14.22 -0.76 10.61
C ALA A 92 -15.41 -1.38 9.90
N LYS A 93 -16.24 -2.16 10.63
CA LYS A 93 -17.36 -2.83 9.98
C LYS A 93 -18.29 -1.82 9.32
N TRP A 94 -18.61 -0.75 10.03
CA TRP A 94 -19.54 0.23 9.52
C TRP A 94 -18.93 0.98 8.34
N ARG A 95 -17.71 1.47 8.49
CA ARG A 95 -17.04 2.19 7.40
C ARG A 95 -16.91 1.30 6.17
N ASP A 96 -16.51 0.05 6.36
CA ASP A 96 -16.37 -0.87 5.23
C ASP A 96 -17.66 -0.94 4.43
N LYS A 97 -18.80 -1.02 5.11
CA LYS A 97 -20.07 -1.18 4.41
C LYS A 97 -20.41 0.05 3.58
N ILE A 98 -20.21 1.25 4.13
CA ILE A 98 -20.52 2.48 3.39
C ILE A 98 -19.59 2.69 2.20
N PHE A 99 -18.28 2.48 2.40
CA PHE A 99 -17.35 2.60 1.27
C PHE A 99 -17.75 1.67 0.14
N ARG A 100 -18.13 0.44 0.47
CA ARG A 100 -18.47 -0.51 -0.59
C ARG A 100 -19.77 -0.13 -1.29
N GLN A 101 -20.76 0.38 -0.55
CA GLN A 101 -22.00 0.82 -1.18
C GLN A 101 -21.79 2.03 -2.09
N HIS A 102 -20.81 2.88 -1.80
CA HIS A 102 -20.59 4.04 -2.63
C HIS A 102 -19.49 3.85 -3.67
N MET A 103 -18.82 2.71 -3.70
CA MET A 103 -17.73 2.50 -4.65
C MET A 103 -18.16 2.66 -6.11
N PRO A 104 -19.31 2.17 -6.56
CA PRO A 104 -19.67 2.42 -7.98
C PRO A 104 -19.81 3.89 -8.31
N LEU A 105 -20.39 4.69 -7.41
CA LEU A 105 -20.43 6.14 -7.59
C LEU A 105 -19.02 6.72 -7.75
N VAL A 106 -18.09 6.30 -6.90
CA VAL A 106 -16.72 6.81 -6.97
C VAL A 106 -16.10 6.49 -8.33
N LEU A 107 -16.20 5.24 -8.74
CA LEU A 107 -15.59 4.84 -10.01
C LEU A 107 -16.29 5.49 -11.19
N GLU A 108 -17.59 5.82 -11.07
CA GLU A 108 -18.26 6.60 -12.10
C GLU A 108 -17.75 8.03 -12.15
N ALA A 109 -17.43 8.62 -10.98
CA ALA A 109 -16.89 9.97 -11.01
C ALA A 109 -15.51 10.00 -11.68
N PHE A 110 -14.71 8.95 -11.46
CA PHE A 110 -13.39 8.86 -12.10
C PHE A 110 -13.54 8.79 -13.61
N ARG A 111 -14.44 7.91 -14.07
CA ARG A 111 -14.63 7.73 -15.51
C ARG A 111 -15.23 8.96 -16.17
N TYR A 112 -16.21 9.61 -15.53
CA TYR A 112 -16.77 10.84 -16.10
C TYR A 112 -15.76 11.97 -16.05
N GLY A 113 -15.13 12.19 -14.89
CA GLY A 113 -14.24 13.33 -14.77
C GLY A 113 -13.11 13.28 -15.77
N ASP A 114 -12.63 12.08 -16.11
CA ASP A 114 -11.44 11.97 -16.94
C ASP A 114 -11.85 11.41 -18.31
N ARG A 115 -13.09 11.71 -18.70
CA ARG A 115 -13.69 11.11 -19.89
C ARG A 115 -12.96 11.51 -21.17
N GLU A 116 -12.37 12.70 -21.22
CA GLU A 116 -11.69 13.09 -22.44
C GLU A 116 -10.41 12.29 -22.65
N LEU A 117 -9.71 11.95 -21.58
CA LEU A 117 -8.52 11.14 -21.73
C LEU A 117 -8.88 9.74 -22.19
N VAL A 118 -10.01 9.23 -21.72
CA VAL A 118 -10.46 7.91 -22.12
C VAL A 118 -10.89 7.91 -23.59
N LYS A 119 -11.57 8.95 -24.02
CA LYS A 119 -11.78 9.17 -25.45
C LYS A 119 -10.48 9.04 -26.22
N LYS A 120 -9.47 9.78 -25.78
CA LYS A 120 -8.21 9.84 -26.52
C LYS A 120 -7.49 8.49 -26.52
N TYR A 121 -7.63 7.73 -25.46
CA TYR A 121 -6.91 6.46 -25.31
C TYR A 121 -7.91 5.39 -24.88
N PRO A 122 -8.63 4.81 -25.84
CA PRO A 122 -9.73 3.89 -25.48
C PRO A 122 -9.26 2.64 -24.81
N GLU A 123 -7.98 2.29 -24.96
CA GLU A 123 -7.43 1.19 -24.19
C GLU A 123 -7.56 1.42 -22.69
N MET A 124 -7.74 2.68 -22.28
CA MET A 124 -7.93 3.00 -20.87
C MET A 124 -9.23 2.42 -20.32
N ASP A 125 -10.31 2.37 -21.13
CA ASP A 125 -11.52 1.67 -20.67
C ASP A 125 -11.34 0.19 -20.38
N GLN A 126 -10.34 -0.45 -20.95
CA GLN A 126 -10.18 -1.88 -20.69
C GLN A 126 -9.27 -2.15 -19.49
N ALA A 127 -8.76 -1.09 -18.84
CA ALA A 127 -7.84 -1.28 -17.73
C ALA A 127 -8.59 -1.82 -16.51
N PRO A 128 -7.99 -2.74 -15.78
CA PRO A 128 -8.63 -3.24 -14.56
C PRO A 128 -8.58 -2.17 -13.48
N ILE A 129 -9.62 -2.15 -12.66
CA ILE A 129 -9.67 -1.27 -11.49
C ILE A 129 -9.37 -2.14 -10.29
N LEU A 130 -8.41 -1.73 -9.47
CA LEU A 130 -8.05 -2.56 -8.34
C LEU A 130 -8.25 -1.69 -7.09
N VAL A 131 -9.10 -2.14 -6.15
CA VAL A 131 -9.46 -1.32 -4.98
C VAL A 131 -8.81 -1.92 -3.75
N HIS A 132 -8.04 -1.10 -3.03
CA HIS A 132 -7.43 -1.52 -1.79
C HIS A 132 -8.21 -0.89 -0.65
N PHE A 133 -8.88 -1.72 0.14
CA PHE A 133 -9.58 -1.31 1.36
C PHE A 133 -8.55 -1.39 2.49
N HIS A 134 -8.02 -0.24 2.90
CA HIS A 134 -6.93 -0.22 3.85
C HIS A 134 -7.44 -0.40 5.28
N ALA A 135 -6.77 -1.28 6.02
CA ALA A 135 -7.04 -1.51 7.43
C ALA A 135 -5.82 -2.21 8.03
N PRO A 136 -5.56 -2.03 9.32
CA PRO A 136 -4.48 -2.79 9.96
C PRO A 136 -4.76 -4.26 10.11
N ASN A 137 -6.05 -4.66 10.16
CA ASN A 137 -6.60 -5.99 10.47
C ASN A 137 -6.75 -6.81 9.20
N PRO A 138 -6.29 -8.06 9.17
CA PRO A 138 -6.50 -8.90 7.98
C PRO A 138 -7.95 -9.00 7.55
N LYS A 139 -8.90 -8.92 8.49
CA LYS A 139 -10.32 -9.04 8.16
C LYS A 139 -10.76 -8.02 7.12
N PHE A 140 -10.28 -6.78 7.24
CA PHE A 140 -10.74 -5.70 6.37
C PHE A 140 -9.71 -5.22 5.35
N ASP A 141 -8.44 -5.55 5.54
CA ASP A 141 -7.37 -5.13 4.64
C ASP A 141 -7.36 -6.01 3.40
N LEU A 142 -8.11 -5.59 2.38
CA LEU A 142 -8.35 -6.41 1.20
C LEU A 142 -8.10 -5.63 -0.08
N VAL A 143 -7.48 -6.30 -1.06
CA VAL A 143 -7.30 -5.78 -2.40
C VAL A 143 -8.19 -6.57 -3.35
N GLU A 144 -9.04 -5.88 -4.10
CA GLU A 144 -10.07 -6.51 -4.92
C GLU A 144 -10.15 -5.88 -6.30
N THR A 145 -10.33 -6.72 -7.32
CA THR A 145 -10.63 -6.21 -8.64
C THR A 145 -12.11 -5.83 -8.74
N TRP A 146 -12.38 -4.62 -9.20
CA TRP A 146 -13.73 -4.10 -9.35
C TRP A 146 -14.03 -3.83 -10.82
N GLY A 147 -13.72 -4.79 -11.68
CA GLY A 147 -14.10 -4.65 -13.08
C GLY A 147 -13.09 -3.85 -13.90
N ILE A 148 -13.61 -3.13 -14.90
CA ILE A 148 -12.80 -2.32 -15.79
C ILE A 148 -13.46 -0.96 -15.88
N LEU A 149 -12.66 0.04 -16.22
CA LEU A 149 -13.14 1.42 -16.26
C LEU A 149 -14.43 1.57 -17.05
N ARG A 150 -14.51 0.84 -18.18
CA ARG A 150 -15.66 0.94 -19.07
C ARG A 150 -16.96 0.50 -18.39
N ASP A 151 -16.87 -0.31 -17.33
CA ASP A 151 -18.06 -0.67 -16.55
C ASP A 151 -18.78 0.57 -16.02
N TYR A 152 -18.06 1.65 -15.75
CA TYR A 152 -18.59 2.73 -14.93
C TYR A 152 -18.93 3.97 -15.74
N LYS A 153 -19.22 3.82 -17.03
CA LYS A 153 -19.69 4.97 -17.80
C LYS A 153 -21.17 5.20 -17.49
N ILE A 154 -21.62 6.44 -17.64
CA ILE A 154 -23.01 6.77 -17.29
C ILE A 154 -23.85 7.15 -18.51
N HIS B 3 16.05 -22.23 6.38
CA HIS B 3 16.19 -21.56 7.68
C HIS B 3 17.32 -20.56 7.88
N LEU B 4 17.01 -19.66 8.80
CA LEU B 4 17.89 -18.57 9.16
C LEU B 4 19.11 -19.08 9.89
N LYS B 5 20.27 -18.48 9.60
CA LYS B 5 21.49 -18.79 10.34
C LYS B 5 21.77 -17.57 11.19
N PRO B 6 21.49 -17.61 12.50
CA PRO B 6 21.60 -16.40 13.34
C PRO B 6 22.92 -15.68 13.23
N GLU B 7 24.02 -16.41 13.08
CA GLU B 7 25.32 -15.79 13.01
C GLU B 7 25.53 -15.02 11.71
N LYS B 8 24.64 -15.17 10.73
CA LYS B 8 24.72 -14.41 9.50
C LYS B 8 23.83 -13.17 9.52
N LEU B 9 23.28 -12.81 10.67
CA LEU B 9 22.31 -11.72 10.77
C LEU B 9 22.91 -10.57 11.56
N GLN B 10 23.06 -9.43 10.90
CA GLN B 10 23.50 -8.21 11.53
C GLN B 10 22.27 -7.34 11.81
N THR B 11 22.22 -6.76 13.00
CA THR B 11 21.10 -5.94 13.42
C THR B 11 21.59 -4.54 13.74
N ARG B 12 20.89 -3.52 13.22
CA ARG B 12 21.18 -2.13 13.51
C ARG B 12 19.88 -1.46 13.96
N PHE B 13 20.00 -0.42 14.78
CA PHE B 13 18.85 0.34 15.27
C PHE B 13 18.94 1.80 14.86
N LEU B 14 17.83 2.33 14.34
CA LEU B 14 17.75 3.76 14.08
C LEU B 14 17.43 4.47 15.38
N ASN B 15 17.99 5.66 15.53
CA ASN B 15 17.65 6.51 16.68
C ASN B 15 16.13 6.59 16.88
N GLY B 16 15.71 6.47 18.14
CA GLY B 16 14.30 6.35 18.48
C GLY B 16 13.81 4.94 18.70
N SER B 17 14.62 3.93 18.35
CA SER B 17 14.29 2.53 18.57
C SER B 17 15.43 1.85 19.30
N GLN B 18 15.11 0.98 20.25
CA GLN B 18 16.09 0.15 20.92
C GLN B 18 15.58 -1.28 20.96
N ASN B 19 16.43 -2.20 21.43
CA ASN B 19 15.97 -3.59 21.45
C ASN B 19 14.84 -3.80 22.44
N ASP B 20 14.56 -2.84 23.33
CA ASP B 20 13.50 -2.97 24.32
C ASP B 20 12.29 -2.10 24.01
N GLY B 21 12.27 -1.40 22.87
CA GLY B 21 11.11 -0.63 22.49
C GLY B 21 11.46 0.68 21.81
N PRO B 22 10.46 1.56 21.60
CA PRO B 22 9.05 1.36 21.94
C PRO B 22 8.33 0.43 20.95
N ARG B 23 7.14 -0.06 21.30
CA ARG B 23 6.44 -0.97 20.38
C ARG B 23 6.00 -0.25 19.11
N TYR B 24 5.77 1.06 19.18
CA TYR B 24 5.21 1.89 18.10
C TYR B 24 5.80 3.30 18.19
N PRO B 25 6.23 3.91 17.08
CA PRO B 25 6.31 3.30 15.74
C PRO B 25 7.50 2.33 15.67
N ARG B 26 7.42 1.28 14.84
CA ARG B 26 8.49 0.30 14.71
C ARG B 26 8.47 -0.32 13.33
N CYS B 27 9.55 -0.11 12.58
CA CYS B 27 9.67 -0.59 11.21
C CYS B 27 10.93 -1.42 11.04
N TYR B 28 10.89 -2.33 10.06
CA TYR B 28 12.01 -3.20 9.74
C TYR B 28 12.44 -2.93 8.29
N THR B 29 13.76 -2.91 8.08
CA THR B 29 14.34 -2.86 6.74
C THR B 29 15.31 -4.02 6.64
N LEU B 30 15.10 -4.90 5.65
CA LEU B 30 15.91 -6.11 5.52
C LEU B 30 16.48 -6.19 4.12
N THR B 31 17.81 -6.30 4.03
CA THR B 31 18.52 -6.51 2.78
C THR B 31 19.54 -7.63 2.99
N HIS B 32 20.29 -7.98 1.94
CA HIS B 32 21.25 -9.06 2.04
C HIS B 32 22.42 -8.76 1.11
N SER B 33 23.44 -9.62 1.19
CA SER B 33 24.59 -9.58 0.28
C SER B 33 24.88 -10.99 -0.21
N ASP B 34 24.71 -11.23 -1.52
CA ASP B 34 25.14 -12.50 -2.13
C ASP B 34 26.66 -12.62 -2.25
N SER B 35 27.43 -11.61 -1.84
CA SER B 35 28.86 -11.83 -1.77
C SER B 35 29.25 -12.50 -0.46
N THR B 36 28.57 -12.17 0.64
CA THR B 36 28.85 -12.75 1.94
C THR B 36 27.72 -13.62 2.48
N GLY B 37 26.54 -13.61 1.86
CA GLY B 37 25.42 -14.37 2.38
C GLY B 37 24.77 -13.80 3.62
N GLU B 38 25.24 -12.65 4.11
CA GLU B 38 24.71 -12.08 5.34
C GLU B 38 23.41 -11.33 5.09
N LEU B 39 22.57 -11.28 6.12
CA LEU B 39 21.34 -10.50 6.10
C LEU B 39 21.51 -9.27 6.99
N PHE B 40 20.97 -8.14 6.56
CA PHE B 40 21.07 -6.89 7.30
C PHE B 40 19.68 -6.43 7.71
N LEU B 41 19.43 -6.35 9.00
CA LEU B 41 18.15 -5.89 9.54
C LEU B 41 18.36 -4.58 10.27
N THR B 42 17.60 -3.55 9.90
CA THR B 42 17.52 -2.32 10.68
C THR B 42 16.12 -2.23 11.30
N ILE B 43 16.08 -1.91 12.60
CA ILE B 43 14.85 -1.67 13.33
C ILE B 43 14.81 -0.19 13.68
N GLY B 44 13.76 0.51 13.28
CA GLY B 44 13.66 1.91 13.60
C GLY B 44 12.25 2.45 13.59
N PRO B 45 12.10 3.73 13.92
CA PRO B 45 10.78 4.38 13.78
C PRO B 45 10.25 4.34 12.37
N SER B 46 11.16 4.40 11.39
CA SER B 46 10.80 4.24 9.98
C SER B 46 11.88 3.40 9.32
N TYR B 47 11.88 3.43 7.98
CA TYR B 47 12.77 2.62 7.18
C TYR B 47 14.18 3.18 7.15
N ASP B 48 15.14 2.32 6.83
CA ASP B 48 16.55 2.70 6.80
C ASP B 48 16.91 3.16 5.39
N TYR B 49 17.04 4.48 5.19
CA TYR B 49 17.24 5.01 3.85
C TYR B 49 18.66 4.90 3.37
N GLU B 50 19.62 4.67 4.27
CA GLU B 50 20.98 4.33 3.83
C GLU B 50 20.98 2.94 3.21
N GLN B 51 20.28 2.01 3.85
CA GLN B 51 20.29 0.62 3.45
C GLN B 51 19.69 0.40 2.06
N ILE B 52 18.69 1.19 1.68
CA ILE B 52 17.95 1.05 0.45
C ILE B 52 18.34 2.13 -0.55
N SER B 53 19.52 2.70 -0.38
N SER B 53 19.52 2.70 -0.38
CA SER B 53 20.05 3.76 -1.24
CA SER B 53 20.05 3.76 -1.24
C SER B 53 20.92 3.16 -2.34
C SER B 53 20.92 3.16 -2.34
N GLY B 54 21.13 3.96 -3.38
CA GLY B 54 22.01 3.59 -4.47
C GLY B 54 21.26 2.95 -5.63
N TRP B 55 21.89 3.05 -6.81
CA TRP B 55 21.28 2.53 -8.03
C TRP B 55 21.04 1.03 -7.93
N TYR B 56 21.90 0.30 -7.22
CA TYR B 56 21.78 -1.16 -7.16
C TYR B 56 20.43 -1.58 -6.59
N THR B 57 20.17 -1.22 -5.32
CA THR B 57 18.91 -1.62 -4.70
C THR B 57 17.72 -1.03 -5.44
N ARG B 58 17.89 0.15 -6.07
CA ARG B 58 16.79 0.67 -6.86
C ARG B 58 16.56 -0.18 -8.10
N PHE B 59 17.60 -0.84 -8.60
CA PHE B 59 17.46 -1.68 -9.77
C PHE B 59 17.03 -3.10 -9.40
N MET B 60 17.57 -3.65 -8.30
CA MET B 60 17.18 -4.98 -7.87
C MET B 60 15.86 -4.97 -7.09
N ARG B 61 15.64 -3.92 -6.28
CA ARG B 61 14.47 -3.83 -5.38
C ARG B 61 14.23 -5.14 -4.64
N ASP B 62 15.28 -5.63 -4.01
CA ASP B 62 15.28 -6.87 -3.27
C ASP B 62 15.06 -6.67 -1.77
N GLU B 63 14.77 -5.45 -1.33
CA GLU B 63 14.61 -5.21 0.11
C GLU B 63 13.28 -5.78 0.59
N VAL B 64 13.18 -6.05 1.89
CA VAL B 64 11.89 -6.31 2.52
C VAL B 64 11.69 -5.25 3.58
N LEU B 65 10.56 -4.55 3.51
CA LEU B 65 10.18 -3.54 4.47
C LEU B 65 9.00 -4.05 5.28
N ALA B 66 8.91 -3.65 6.54
CA ALA B 66 7.78 -4.06 7.34
C ALA B 66 7.45 -2.93 8.30
N VAL B 67 6.18 -2.85 8.67
CA VAL B 67 5.70 -1.82 9.58
C VAL B 67 4.69 -2.43 10.56
N TRP B 68 4.96 -2.23 11.85
CA TRP B 68 4.02 -2.62 12.89
C TRP B 68 2.87 -1.61 12.90
N GLU B 69 1.63 -2.08 12.73
CA GLU B 69 0.47 -1.21 12.68
C GLU B 69 -0.39 -1.46 13.92
N MET B 70 -0.81 -0.37 14.58
CA MET B 70 -1.76 -0.51 15.68
C MET B 70 -3.14 -0.86 15.14
N ASP B 71 -3.83 -1.78 15.81
CA ASP B 71 -5.21 -2.01 15.48
C ASP B 71 -5.96 -2.16 16.81
N GLU B 72 -7.23 -2.53 16.72
CA GLU B 72 -8.05 -2.62 17.93
C GLU B 72 -7.64 -3.83 18.78
N GLU B 73 -7.07 -4.86 18.15
CA GLU B 73 -6.57 -6.04 18.86
C GLU B 73 -5.05 -6.00 18.86
N ASP B 74 -4.50 -5.06 19.63
CA ASP B 74 -3.05 -4.89 19.79
C ASP B 74 -2.39 -4.38 18.50
N MET B 75 -1.62 -5.22 17.80
CA MET B 75 -0.83 -4.78 16.66
C MET B 75 -0.84 -5.85 15.56
N ALA B 76 -0.46 -5.44 14.35
CA ALA B 76 -0.24 -6.39 13.25
C ALA B 76 0.99 -5.95 12.46
N LEU B 77 1.71 -6.93 11.90
CA LEU B 77 2.92 -6.65 11.13
C LEU B 77 2.59 -6.67 9.66
N HIS B 78 2.78 -5.53 8.98
CA HIS B 78 2.51 -5.40 7.56
C HIS B 78 3.86 -5.46 6.82
N VAL B 79 4.05 -6.50 6.04
CA VAL B 79 5.30 -6.76 5.32
C VAL B 79 5.09 -6.38 3.87
N HIS B 80 6.12 -5.83 3.24
CA HIS B 80 6.01 -5.32 1.87
C HIS B 80 7.17 -5.79 1.01
N VAL B 81 6.86 -6.33 -0.16
CA VAL B 81 7.90 -6.70 -1.13
C VAL B 81 7.46 -6.21 -2.50
N HIS B 82 8.44 -5.83 -3.34
CA HIS B 82 8.19 -5.21 -4.64
C HIS B 82 8.31 -6.30 -5.71
N VAL B 83 7.16 -6.86 -6.08
CA VAL B 83 7.15 -7.94 -7.06
C VAL B 83 7.39 -7.37 -8.46
N SER B 84 6.70 -6.28 -8.79
CA SER B 84 6.83 -5.69 -10.12
C SER B 84 6.64 -4.19 -10.06
N GLY B 85 7.12 -3.52 -11.11
CA GLY B 85 6.91 -2.09 -11.25
C GLY B 85 8.17 -1.30 -11.45
N GLY B 86 8.20 -0.48 -12.49
CA GLY B 86 9.37 0.32 -12.76
C GLY B 86 10.46 -0.51 -13.41
N LEU B 87 11.60 0.12 -13.55
CA LEU B 87 12.69 -0.43 -14.36
C LEU B 87 13.65 -1.16 -13.42
N ILE B 88 13.44 -2.49 -13.33
CA ILE B 88 14.02 -3.38 -12.34
C ILE B 88 14.41 -4.67 -13.04
N LEU B 89 15.23 -5.48 -12.36
CA LEU B 89 15.70 -6.74 -12.91
C LEU B 89 14.74 -7.88 -12.57
N GLY B 90 14.35 -8.64 -13.58
CA GLY B 90 13.52 -9.82 -13.37
C GLY B 90 12.07 -9.57 -13.76
N SER B 91 11.41 -10.61 -14.23
CA SER B 91 10.00 -10.51 -14.57
C SER B 91 9.18 -10.55 -13.28
N ALA B 92 7.96 -10.02 -13.35
CA ALA B 92 7.01 -10.15 -12.23
C ALA B 92 6.88 -11.61 -11.76
N LYS B 93 6.86 -12.58 -12.70
CA LYS B 93 6.69 -13.97 -12.29
C LYS B 93 7.92 -14.56 -11.58
N TRP B 94 9.14 -14.39 -12.13
CA TRP B 94 10.29 -14.71 -11.29
C TRP B 94 10.28 -14.03 -9.94
N ARG B 95 10.26 -12.69 -9.93
CA ARG B 95 10.40 -11.99 -8.66
C ARG B 95 9.41 -12.52 -7.65
N ASP B 96 8.16 -12.74 -8.07
CA ASP B 96 7.14 -13.27 -7.18
C ASP B 96 7.54 -14.63 -6.61
N LYS B 97 8.12 -15.49 -7.45
CA LYS B 97 8.51 -16.83 -7.02
C LYS B 97 9.63 -16.79 -6.00
N ILE B 98 10.62 -15.92 -6.22
CA ILE B 98 11.78 -15.86 -5.33
C ILE B 98 11.37 -15.28 -3.97
N PHE B 99 10.59 -14.21 -3.97
CA PHE B 99 10.14 -13.63 -2.72
C PHE B 99 9.35 -14.65 -1.91
N ARG B 100 8.47 -15.42 -2.56
CA ARG B 100 7.66 -16.41 -1.84
C ARG B 100 8.53 -17.51 -1.25
N GLN B 101 9.40 -18.13 -2.07
CA GLN B 101 10.53 -18.92 -1.55
C GLN B 101 11.20 -18.44 -0.29
N HIS B 102 11.57 -17.17 -0.23
CA HIS B 102 12.39 -16.70 0.87
C HIS B 102 11.59 -16.06 2.00
N MET B 103 10.26 -15.99 1.87
CA MET B 103 9.47 -15.32 2.91
C MET B 103 9.60 -15.98 4.28
N PRO B 104 9.63 -17.32 4.41
CA PRO B 104 9.85 -17.90 5.75
C PRO B 104 11.17 -17.46 6.35
N LEU B 105 12.22 -17.38 5.52
CA LEU B 105 13.49 -16.89 6.01
C LEU B 105 13.38 -15.42 6.45
N VAL B 106 12.67 -14.61 5.68
CA VAL B 106 12.47 -13.21 6.04
C VAL B 106 11.80 -13.10 7.40
N LEU B 107 10.70 -13.82 7.60
CA LEU B 107 9.96 -13.67 8.86
C LEU B 107 10.74 -14.25 10.04
N GLU B 108 11.57 -15.26 9.78
CA GLU B 108 12.43 -15.77 10.85
C GLU B 108 13.46 -14.73 11.27
N ALA B 109 13.96 -13.95 10.31
CA ALA B 109 14.91 -12.91 10.66
C ALA B 109 14.27 -11.83 11.52
N PHE B 110 13.04 -11.42 11.18
CA PHE B 110 12.35 -10.43 12.02
C PHE B 110 12.22 -10.92 13.45
N ARG B 111 11.79 -12.17 13.64
CA ARG B 111 11.54 -12.60 15.02
C ARG B 111 12.80 -13.02 15.77
N TYR B 112 13.84 -13.52 15.10
CA TYR B 112 15.14 -13.58 15.79
C TYR B 112 15.66 -12.17 16.05
N GLY B 113 15.65 -11.31 15.05
CA GLY B 113 16.28 -10.01 15.20
C GLY B 113 15.67 -9.16 16.31
N ASP B 114 14.38 -9.26 16.53
CA ASP B 114 13.75 -8.33 17.45
C ASP B 114 13.28 -9.14 18.67
N ARG B 115 14.04 -10.20 19.01
CA ARG B 115 13.57 -11.21 19.96
C ARG B 115 13.44 -10.67 21.37
N GLU B 116 14.31 -9.74 21.78
CA GLU B 116 14.16 -9.16 23.11
C GLU B 116 12.80 -8.50 23.29
N LEU B 117 12.29 -7.86 22.23
CA LEU B 117 11.00 -7.16 22.37
C LEU B 117 9.87 -8.17 22.49
N VAL B 118 9.96 -9.29 21.77
CA VAL B 118 9.00 -10.38 21.92
C VAL B 118 9.04 -10.92 23.34
N LYS B 119 10.23 -11.08 23.91
CA LYS B 119 10.34 -11.50 25.31
C LYS B 119 9.66 -10.50 26.23
N LYS B 120 9.81 -9.20 25.96
CA LYS B 120 9.24 -8.17 26.84
C LYS B 120 7.73 -8.08 26.67
N TYR B 121 7.23 -8.25 25.45
CA TYR B 121 5.81 -8.16 25.14
C TYR B 121 5.38 -9.42 24.40
N PRO B 122 5.13 -10.51 25.12
CA PRO B 122 4.79 -11.78 24.43
C PRO B 122 3.53 -11.68 23.62
N GLU B 123 2.73 -10.63 23.79
CA GLU B 123 1.56 -10.49 22.92
C GLU B 123 1.96 -10.18 21.47
N MET B 124 3.09 -9.52 21.20
CA MET B 124 3.41 -9.41 19.78
C MET B 124 3.67 -10.75 19.14
N ASP B 125 3.82 -11.81 19.92
CA ASP B 125 4.29 -12.98 19.22
C ASP B 125 3.07 -13.74 18.69
N GLN B 126 1.87 -13.32 19.11
CA GLN B 126 0.57 -13.75 18.60
C GLN B 126 0.03 -12.86 17.48
N ALA B 127 0.73 -11.78 17.13
CA ALA B 127 0.20 -10.82 16.19
C ALA B 127 0.18 -11.39 14.77
N PRO B 128 -0.84 -11.08 13.98
CA PRO B 128 -0.89 -11.61 12.61
C PRO B 128 0.18 -10.94 11.76
N ILE B 129 0.65 -11.68 10.77
CA ILE B 129 1.59 -11.17 9.77
C ILE B 129 0.84 -11.05 8.45
N LEU B 130 0.80 -9.84 7.90
CA LEU B 130 0.18 -9.57 6.60
C LEU B 130 1.27 -9.23 5.61
N VAL B 131 1.33 -9.97 4.49
CA VAL B 131 2.33 -9.76 3.44
C VAL B 131 1.63 -9.19 2.23
N HIS B 132 2.11 -8.03 1.76
CA HIS B 132 1.64 -7.40 0.53
C HIS B 132 2.72 -7.59 -0.53
N PHE B 133 2.41 -8.39 -1.54
CA PHE B 133 3.19 -8.53 -2.78
C PHE B 133 2.78 -7.43 -3.74
N HIS B 134 3.56 -6.35 -3.80
CA HIS B 134 3.19 -5.19 -4.60
C HIS B 134 3.47 -5.39 -6.09
N ALA B 135 2.47 -5.10 -6.92
CA ALA B 135 2.63 -5.15 -8.37
C ALA B 135 1.54 -4.31 -9.03
N PRO B 136 1.78 -3.77 -10.21
CA PRO B 136 0.71 -3.05 -10.89
C PRO B 136 -0.40 -3.97 -11.37
N ASN B 137 -0.05 -5.21 -11.73
CA ASN B 137 -0.98 -6.23 -12.24
C ASN B 137 -1.80 -6.85 -11.13
N PRO B 138 -3.13 -6.84 -11.24
CA PRO B 138 -3.97 -7.56 -10.27
C PRO B 138 -3.56 -8.99 -10.03
N LYS B 139 -3.02 -9.67 -11.05
CA LYS B 139 -2.59 -11.06 -10.89
C LYS B 139 -1.57 -11.24 -9.77
N PHE B 140 -0.67 -10.27 -9.58
CA PHE B 140 0.40 -10.41 -8.60
C PHE B 140 0.24 -9.52 -7.38
N ASP B 141 -0.60 -8.49 -7.46
CA ASP B 141 -0.85 -7.57 -6.34
C ASP B 141 -1.72 -8.18 -5.25
N LEU B 142 -1.11 -8.90 -4.31
CA LEU B 142 -1.84 -9.71 -3.35
C LEU B 142 -1.45 -9.39 -1.93
N VAL B 143 -2.44 -9.40 -1.04
CA VAL B 143 -2.24 -9.24 0.39
C VAL B 143 -2.62 -10.55 1.05
N GLU B 144 -1.70 -11.14 1.82
CA GLU B 144 -1.90 -12.48 2.35
C GLU B 144 -1.52 -12.59 3.81
N THR B 145 -2.29 -13.37 4.55
CA THR B 145 -1.93 -13.69 5.92
C THR B 145 -0.94 -14.84 5.92
N TRP B 146 0.19 -14.64 6.60
CA TRP B 146 1.24 -15.64 6.68
C TRP B 146 1.42 -16.04 8.14
N GLY B 147 0.30 -16.29 8.83
CA GLY B 147 0.38 -16.79 10.19
C GLY B 147 0.64 -15.70 11.22
N ILE B 148 1.27 -16.10 12.33
CA ILE B 148 1.65 -15.18 13.38
C ILE B 148 3.17 -15.27 13.56
N LEU B 149 3.70 -14.46 14.47
CA LEU B 149 5.16 -14.38 14.69
C LEU B 149 5.77 -15.61 15.36
N ARG B 150 5.14 -16.16 16.39
CA ARG B 150 5.62 -17.42 16.96
C ARG B 150 5.76 -18.57 15.94
N ASP B 151 5.05 -18.54 14.84
CA ASP B 151 5.24 -19.55 13.81
C ASP B 151 6.62 -19.56 13.19
N TYR B 152 7.42 -18.52 13.40
CA TYR B 152 8.72 -18.40 12.75
C TYR B 152 9.83 -18.43 13.77
N LYS B 153 9.54 -18.99 14.94
CA LYS B 153 10.51 -19.26 15.99
C LYS B 153 11.51 -20.32 15.50
N ILE B 154 12.79 -20.11 15.78
CA ILE B 154 13.81 -21.01 15.23
C ILE B 154 14.32 -22.00 16.27
C1 MPD C . -19.76 9.18 7.87
C2 MPD C . -18.69 8.82 6.87
O2 MPD C . -17.38 9.11 7.44
CM MPD C . -18.89 9.66 5.61
C3 MPD C . -18.72 7.33 6.53
C4 MPD C . -17.65 7.03 5.48
O4 MPD C . -16.50 7.75 5.84
C5 MPD C . -17.31 5.55 5.44
P PO4 D . -1.01 -3.27 3.30
O1 PO4 D . -0.31 -2.69 4.50
O2 PO4 D . -0.83 -4.78 3.34
O3 PO4 D . -0.42 -2.76 1.98
O4 PO4 D . -2.47 -2.93 3.33
P PO4 E . -17.45 9.15 -0.49
O1 PO4 E . -18.35 9.62 0.64
O2 PO4 E . -17.60 7.66 -0.66
O3 PO4 E . -16.01 9.47 -0.13
O4 PO4 E . -17.78 9.85 -1.80
P PO4 F . -2.25 -1.47 -3.93
O1 PO4 F . -2.25 -0.99 -2.48
O2 PO4 F . -1.26 -2.59 -4.09
O3 PO4 F . -1.99 -0.35 -4.90
O4 PO4 F . -3.65 -1.98 -4.25
C1 MPD G . 15.68 -11.91 -4.77
C2 MPD G . 15.27 -11.02 -5.93
O2 MPD G . 15.31 -9.64 -5.49
CM MPD G . 13.84 -11.31 -6.39
C3 MPD G . 16.25 -11.19 -7.07
C4 MPD G . 16.28 -9.87 -7.84
O4 MPD G . 17.40 -9.14 -7.39
C5 MPD G . 16.36 -10.08 -9.34
C TRS H . 15.93 -11.16 0.50
C1 TRS H . 14.69 -11.92 0.05
C2 TRS H . 15.69 -10.48 1.84
C3 TRS H . 17.11 -12.11 0.63
N TRS H . 16.22 -10.14 -0.50
O1 TRS H . 14.88 -12.37 -1.28
O2 TRS H . 16.48 -9.31 1.91
O3 TRS H . 16.80 -13.09 1.59
#